data_5BPQ
#
_entry.id   5BPQ
#
_cell.length_a   76.075
_cell.length_b   76.075
_cell.length_c   204.470
_cell.angle_alpha   90.000
_cell.angle_beta   90.000
_cell.angle_gamma   120.000
#
_symmetry.space_group_name_H-M   'P 61'
#
loop_
_entity.id
_entity.type
_entity.pdbx_description
1 polymer Frizzled-4
2 non-polymer 2-acetamido-2-deoxy-beta-D-glucopyranose
3 non-polymer 'CHLORIDE ION'
4 water water
#
_entity_poly.entity_id   1
_entity_poly.type   'polypeptide(L)'
_entity_poly.pdbx_seq_one_letter_code
;DTGERRCDPIRISMCQNLGYNVTKMPNLVGHELQTDAELQLTTFTPLIQYGCSSQLQFFLCSVYVPMCTEKINIPIGPCG
GMCLSVKRRCEPVLKEFGFAWPESLNCSKFPPQNDHNHMCMEGPGDEEVPLPHKTPIQPGEGTLEVLFQ
;
_entity_poly.pdbx_strand_id   A,B,C,D
#
loop_
_chem_comp.id
_chem_comp.type
_chem_comp.name
_chem_comp.formula
CL non-polymer 'CHLORIDE ION' 'Cl -1'
NAG D-saccharide, beta linking 2-acetamido-2-deoxy-beta-D-glucopyranose 'C8 H15 N O6'
#
# COMPACT_ATOMS: atom_id res chain seq x y z
N ARG A 6 8.75 -12.90 -11.67
CA ARG A 6 7.56 -12.01 -11.51
C ARG A 6 7.76 -10.56 -11.98
N CYS A 7 8.95 -10.22 -12.48
CA CYS A 7 9.22 -8.86 -12.97
C CYS A 7 9.06 -8.81 -14.49
N ASP A 8 8.45 -7.73 -14.97
CA ASP A 8 8.19 -7.54 -16.40
C ASP A 8 9.23 -6.60 -17.01
N PRO A 9 9.60 -6.82 -18.29
CA PRO A 9 10.53 -5.89 -18.95
C PRO A 9 9.94 -4.49 -19.17
N ILE A 10 10.79 -3.47 -19.14
CA ILE A 10 10.36 -2.09 -19.35
C ILE A 10 10.07 -1.86 -20.84
N ARG A 11 8.83 -1.47 -21.12
CA ARG A 11 8.36 -1.25 -22.50
C ARG A 11 8.35 0.23 -22.90
N ILE A 12 8.61 1.11 -21.94
CA ILE A 12 8.63 2.56 -22.20
C ILE A 12 10.01 2.94 -22.74
N SER A 13 10.04 3.36 -24.00
CA SER A 13 11.30 3.63 -24.71
C SER A 13 12.16 4.72 -24.06
N MET A 14 11.53 5.68 -23.39
CA MET A 14 12.28 6.76 -22.73
C MET A 14 12.86 6.35 -21.37
N CYS A 15 12.56 5.14 -20.91
CA CYS A 15 13.07 4.62 -19.63
C CYS A 15 13.90 3.34 -19.86
N GLN A 16 14.93 3.40 -20.70
CA GLN A 16 15.62 2.18 -21.14
C GLN A 16 17.03 1.98 -20.57
N ASN A 17 17.90 2.99 -20.68
CA ASN A 17 19.28 2.85 -20.18
C ASN A 17 19.41 3.43 -18.77
N LEU A 18 18.63 2.87 -17.86
CA LEU A 18 18.69 3.21 -16.45
C LEU A 18 19.56 2.15 -15.78
N GLY A 19 19.65 2.21 -14.46
CA GLY A 19 20.32 1.15 -13.69
C GLY A 19 19.63 -0.20 -13.83
N TYR A 20 18.32 -0.20 -14.09
CA TYR A 20 17.52 -1.43 -14.09
C TYR A 20 16.71 -1.66 -15.37
N ASN A 21 16.34 -2.92 -15.55
CA ASN A 21 15.72 -3.44 -16.79
C ASN A 21 14.22 -3.71 -16.70
N VAL A 22 13.73 -3.95 -15.48
CA VAL A 22 12.44 -4.59 -15.29
C VAL A 22 11.58 -3.87 -14.26
N THR A 23 10.26 -4.04 -14.39
CA THR A 23 9.28 -3.40 -13.54
C THR A 23 8.20 -4.39 -13.14
N LYS A 24 7.35 -3.96 -12.23
CA LYS A 24 6.03 -4.55 -12.09
C LYS A 24 5.04 -3.45 -11.78
N MET A 25 3.91 -3.48 -12.47
CA MET A 25 2.83 -2.54 -12.22
C MET A 25 1.97 -3.13 -11.08
N PRO A 26 1.28 -2.30 -10.31
CA PRO A 26 1.16 -0.86 -10.54
C PRO A 26 2.36 -0.03 -10.08
N ASN A 27 2.44 1.19 -10.60
CA ASN A 27 3.52 2.11 -10.24
C ASN A 27 3.09 3.07 -9.13
N LEU A 28 3.95 4.01 -8.77
CA LEU A 28 3.71 4.90 -7.64
C LEU A 28 2.73 6.02 -7.97
N VAL A 29 2.18 5.98 -9.17
CA VAL A 29 1.21 6.97 -9.64
C VAL A 29 -0.19 6.35 -9.83
N GLY A 30 -0.28 5.02 -9.88
CA GLY A 30 -1.57 4.33 -9.91
C GLY A 30 -1.84 3.51 -11.16
N HIS A 31 -0.98 3.61 -12.17
CA HIS A 31 -1.20 2.93 -13.44
C HIS A 31 -0.98 1.43 -13.28
N GLU A 32 -1.91 0.64 -13.83
CA GLU A 32 -1.77 -0.81 -13.89
C GLU A 32 -1.09 -1.23 -15.19
N LEU A 33 -1.02 -0.32 -16.15
CA LEU A 33 -0.50 -0.61 -17.48
C LEU A 33 0.63 0.35 -17.84
N GLN A 34 1.76 -0.21 -18.27
CA GLN A 34 2.91 0.59 -18.71
C GLN A 34 2.52 1.58 -19.82
N THR A 35 1.60 1.18 -20.69
CA THR A 35 1.12 2.06 -21.76
C THR A 35 0.44 3.33 -21.23
N ASP A 36 -0.34 3.23 -20.16
CA ASP A 36 -0.95 4.40 -19.52
C ASP A 36 0.11 5.29 -18.89
N ALA A 37 1.13 4.69 -18.32
CA ALA A 37 2.24 5.43 -17.74
C ALA A 37 3.03 6.17 -18.81
N GLU A 38 3.25 5.50 -19.95
CA GLU A 38 4.01 6.10 -21.04
C GLU A 38 3.30 7.34 -21.59
N LEU A 39 2.00 7.23 -21.83
CA LEU A 39 1.22 8.35 -22.35
C LEU A 39 1.30 9.56 -21.42
N GLN A 40 1.14 9.32 -20.13
CA GLN A 40 1.20 10.38 -19.12
C GLN A 40 2.61 10.96 -18.98
N LEU A 41 3.62 10.12 -19.18
CA LEU A 41 5.03 10.55 -19.13
C LEU A 41 5.42 11.52 -20.25
N THR A 42 4.72 11.46 -21.38
CA THR A 42 5.07 12.32 -22.53
C THR A 42 4.91 13.80 -22.21
N THR A 43 4.05 14.11 -21.25
CA THR A 43 3.94 15.45 -20.66
C THR A 43 5.30 16.06 -20.31
N PHE A 44 6.23 15.22 -19.87
CA PHE A 44 7.50 15.67 -19.31
C PHE A 44 8.68 15.71 -20.26
N THR A 45 8.54 15.15 -21.46
CA THR A 45 9.68 15.07 -22.38
C THR A 45 10.26 16.45 -22.72
N PRO A 46 9.40 17.47 -22.91
CA PRO A 46 9.96 18.82 -23.09
C PRO A 46 10.74 19.32 -21.88
N LEU A 47 10.24 19.04 -20.67
CA LEU A 47 10.93 19.41 -19.44
C LEU A 47 12.26 18.65 -19.32
N ILE A 48 12.27 17.41 -19.81
CA ILE A 48 13.49 16.61 -19.86
C ILE A 48 14.47 17.18 -20.88
N GLN A 49 13.98 17.58 -22.05
CA GLN A 49 14.83 18.20 -23.07
C GLN A 49 15.39 19.55 -22.62
N TYR A 50 14.61 20.28 -21.83
CA TYR A 50 15.05 21.55 -21.27
C TYR A 50 16.33 21.35 -20.47
N GLY A 51 16.35 20.34 -19.61
CA GLY A 51 17.53 20.02 -18.83
C GLY A 51 17.67 20.89 -17.59
N CYS A 52 16.59 21.04 -16.83
CA CYS A 52 16.65 21.72 -15.54
C CYS A 52 17.37 20.85 -14.51
N SER A 53 17.23 19.53 -14.65
CA SER A 53 17.94 18.58 -13.80
C SER A 53 18.31 17.33 -14.59
N SER A 54 19.58 16.94 -14.52
CA SER A 54 20.06 15.74 -15.19
C SER A 54 19.52 14.45 -14.54
N GLN A 55 18.89 14.57 -13.37
CA GLN A 55 18.29 13.44 -12.67
C GLN A 55 16.80 13.27 -12.96
N LEU A 56 16.21 14.18 -13.74
CA LEU A 56 14.76 14.20 -13.96
C LEU A 56 14.25 12.93 -14.64
N GLN A 57 14.95 12.49 -15.70
CA GLN A 57 14.53 11.29 -16.41
C GLN A 57 14.50 10.07 -15.49
N PHE A 58 15.56 9.88 -14.71
CA PHE A 58 15.63 8.75 -13.79
C PHE A 58 14.53 8.84 -12.73
N PHE A 59 14.37 10.02 -12.14
CA PHE A 59 13.35 10.23 -11.13
C PHE A 59 11.98 9.83 -11.64
N LEU A 60 11.62 10.34 -12.81
CA LEU A 60 10.32 10.08 -13.41
C LEU A 60 10.14 8.61 -13.75
N CYS A 61 11.17 7.98 -14.29
CA CYS A 61 11.11 6.57 -14.61
C CYS A 61 10.99 5.72 -13.34
N SER A 62 11.71 6.10 -12.29
CA SER A 62 11.63 5.38 -11.00
C SER A 62 10.24 5.45 -10.38
N VAL A 63 9.47 6.47 -10.74
CA VAL A 63 8.10 6.63 -10.28
C VAL A 63 7.08 5.95 -11.21
N TYR A 64 7.30 6.06 -12.52
CA TYR A 64 6.33 5.57 -13.51
C TYR A 64 6.59 4.12 -13.92
N VAL A 65 7.83 3.67 -13.76
CA VAL A 65 8.17 2.26 -13.87
C VAL A 65 9.22 1.93 -12.80
N PRO A 66 8.76 1.78 -11.54
CA PRO A 66 9.69 1.53 -10.43
C PRO A 66 10.46 0.24 -10.59
N MET A 67 11.65 0.16 -10.01
CA MET A 67 12.47 -1.03 -10.13
C MET A 67 11.78 -2.25 -9.53
N CYS A 68 11.93 -3.38 -10.21
CA CYS A 68 11.45 -4.67 -9.73
C CYS A 68 12.64 -5.61 -9.57
N THR A 69 12.64 -6.38 -8.48
CA THR A 69 13.58 -7.48 -8.32
C THR A 69 12.83 -8.70 -7.81
N GLU A 70 13.34 -9.88 -8.13
CA GLU A 70 12.70 -11.14 -7.75
C GLU A 70 12.67 -11.31 -6.24
N LYS A 71 13.72 -10.84 -5.58
CA LYS A 71 13.87 -11.00 -4.13
C LYS A 71 13.03 -10.02 -3.31
N ILE A 72 12.47 -8.99 -3.96
CA ILE A 72 11.67 -7.98 -3.27
C ILE A 72 10.29 -7.92 -3.91
N ASN A 73 9.25 -7.78 -3.09
CA ASN A 73 7.86 -7.76 -3.60
C ASN A 73 7.10 -6.44 -3.40
N ILE A 74 7.83 -5.38 -3.05
CA ILE A 74 7.34 -4.01 -3.23
C ILE A 74 8.09 -3.42 -4.41
N PRO A 75 7.46 -2.49 -5.15
CA PRO A 75 8.23 -1.78 -6.16
C PRO A 75 9.21 -0.83 -5.49
N ILE A 76 10.36 -0.60 -6.12
CA ILE A 76 11.38 0.28 -5.56
C ILE A 76 11.44 1.57 -6.37
N GLY A 77 11.00 2.66 -5.75
CA GLY A 77 11.00 3.98 -6.38
C GLY A 77 12.14 4.83 -5.88
N PRO A 78 12.02 6.16 -6.02
CA PRO A 78 13.09 7.07 -5.66
C PRO A 78 13.12 7.40 -4.17
N CYS A 79 14.30 7.76 -3.67
CA CYS A 79 14.41 8.33 -2.34
C CYS A 79 13.97 9.78 -2.38
N GLY A 80 13.48 10.28 -1.26
CA GLY A 80 12.94 11.63 -1.16
C GLY A 80 13.95 12.75 -1.37
N GLY A 81 15.23 12.44 -1.19
CA GLY A 81 16.30 13.41 -1.39
C GLY A 81 16.54 13.73 -2.86
N MET A 82 16.45 12.71 -3.70
CA MET A 82 16.56 12.88 -5.14
C MET A 82 15.37 13.67 -5.66
N CYS A 83 14.17 13.31 -5.20
CA CYS A 83 12.95 14.04 -5.53
C CYS A 83 13.10 15.53 -5.27
N LEU A 84 13.60 15.87 -4.08
CA LEU A 84 13.79 17.26 -3.69
C LEU A 84 14.79 17.96 -4.61
N SER A 85 15.89 17.29 -4.88
CA SER A 85 16.94 17.82 -5.76
C SER A 85 16.41 18.13 -7.17
N VAL A 86 15.53 17.27 -7.68
CA VAL A 86 14.92 17.46 -9.00
C VAL A 86 13.86 18.56 -8.94
N LYS A 87 13.01 18.52 -7.91
CA LYS A 87 11.96 19.50 -7.73
C LYS A 87 12.50 20.92 -7.60
N ARG A 88 13.52 21.09 -6.76
CA ARG A 88 14.07 22.43 -6.51
C ARG A 88 14.61 23.08 -7.79
N ARG A 89 15.16 22.27 -8.70
CA ARG A 89 15.67 22.78 -9.97
C ARG A 89 14.59 22.94 -11.05
N CYS A 90 13.62 22.03 -11.09
CA CYS A 90 12.65 22.00 -12.19
C CYS A 90 11.32 22.70 -11.91
N GLU A 91 10.93 22.83 -10.64
CA GLU A 91 9.67 23.50 -10.30
C GLU A 91 9.65 24.97 -10.73
N PRO A 92 10.76 25.72 -10.50
CA PRO A 92 10.77 27.12 -10.94
C PRO A 92 10.55 27.31 -12.43
N VAL A 93 10.96 26.33 -13.23
CA VAL A 93 10.72 26.36 -14.68
C VAL A 93 9.23 26.16 -14.98
N LEU A 94 8.59 25.22 -14.28
CA LEU A 94 7.16 24.98 -14.44
C LEU A 94 6.33 26.19 -14.05
N LYS A 95 6.74 26.89 -12.99
CA LYS A 95 6.02 28.05 -12.49
C LYS A 95 6.06 29.25 -13.44
N GLU A 96 7.10 29.32 -14.28
CA GLU A 96 7.19 30.35 -15.33
C GLU A 96 6.04 30.21 -16.34
N PHE A 97 5.63 28.96 -16.57
CA PHE A 97 4.57 28.64 -17.52
C PHE A 97 3.21 28.40 -16.86
N GLY A 98 3.06 28.87 -15.61
CA GLY A 98 1.82 28.71 -14.88
C GLY A 98 1.52 27.29 -14.40
N PHE A 99 2.54 26.43 -14.38
CA PHE A 99 2.38 25.06 -13.90
C PHE A 99 2.99 24.90 -12.51
N ALA A 100 2.56 23.84 -11.82
CA ALA A 100 3.03 23.55 -10.47
C ALA A 100 3.56 22.12 -10.39
N TRP A 101 4.46 21.88 -9.44
CA TRP A 101 4.93 20.53 -9.16
C TRP A 101 3.75 19.74 -8.60
N PRO A 102 3.40 18.63 -9.25
CA PRO A 102 2.18 17.91 -8.88
C PRO A 102 2.25 17.14 -7.57
N GLU A 103 1.10 16.94 -6.94
CA GLU A 103 0.99 16.13 -5.72
C GLU A 103 1.46 14.69 -5.93
N SER A 104 1.25 14.17 -7.13
CA SER A 104 1.69 12.82 -7.46
C SER A 104 3.22 12.63 -7.35
N LEU A 105 3.97 13.73 -7.36
CA LEU A 105 5.42 13.68 -7.17
C LEU A 105 5.85 14.41 -5.88
N ASN A 106 4.92 14.55 -4.95
CA ASN A 106 5.20 15.15 -3.64
C ASN A 106 6.33 14.37 -2.97
N CYS A 107 7.44 15.05 -2.69
CA CYS A 107 8.66 14.40 -2.22
C CYS A 107 8.53 13.80 -0.82
N SER A 108 7.60 14.32 -0.01
CA SER A 108 7.32 13.76 1.31
C SER A 108 6.69 12.37 1.25
N LYS A 109 6.11 11.99 0.12
CA LYS A 109 5.49 10.68 -0.02
C LYS A 109 6.50 9.55 -0.30
N PHE A 110 7.76 9.92 -0.56
CA PHE A 110 8.84 8.95 -0.74
C PHE A 110 9.68 8.83 0.53
N PRO A 111 10.42 7.73 0.70
CA PRO A 111 11.28 7.57 1.88
C PRO A 111 12.43 8.59 1.87
N PRO A 112 12.67 9.27 3.00
CA PRO A 112 13.74 10.28 3.07
C PRO A 112 15.08 9.81 2.50
N GLN A 113 15.55 8.65 2.95
CA GLN A 113 16.78 8.05 2.44
C GLN A 113 16.67 6.53 2.43
N ASN A 114 17.53 5.88 1.64
CA ASN A 114 17.60 4.43 1.62
C ASN A 114 18.20 3.90 2.93
N ASP A 115 17.37 3.23 3.71
CA ASP A 115 17.70 2.77 5.06
C ASP A 115 17.53 1.26 5.17
N HIS A 116 17.69 0.74 6.39
CA HIS A 116 17.17 -0.59 6.74
C HIS A 116 15.65 -0.48 6.95
N ASN A 117 15.21 0.66 7.49
CA ASN A 117 13.79 1.04 7.51
C ASN A 117 13.16 1.17 6.12
N HIS A 118 13.91 1.74 5.19
CA HIS A 118 13.37 2.23 3.92
C HIS A 118 14.16 1.74 2.71
N MET A 119 13.46 1.18 1.74
CA MET A 119 14.09 0.81 0.47
C MET A 119 13.75 1.85 -0.59
N CYS A 120 14.77 2.42 -1.21
CA CYS A 120 14.58 3.36 -2.33
C CYS A 120 15.86 3.57 -3.11
N MET A 121 15.72 3.99 -4.37
CA MET A 121 16.86 4.32 -5.22
C MET A 121 17.22 5.78 -5.05
N GLU A 122 18.47 6.03 -4.66
CA GLU A 122 18.92 7.38 -4.31
C GLU A 122 19.37 8.16 -5.55
N GLY A 123 19.50 7.48 -6.69
CA GLY A 123 19.75 8.10 -7.99
C GLY A 123 21.22 8.10 -8.39
N PRO A 124 21.49 8.45 -9.66
CA PRO A 124 22.87 8.47 -10.15
C PRO A 124 23.51 9.85 -10.00
N ARG B 6 4.44 -12.49 5.11
CA ARG B 6 3.94 -13.16 6.35
C ARG B 6 5.03 -14.01 7.00
N CYS B 7 5.57 -13.51 8.11
CA CYS B 7 6.63 -14.19 8.85
C CYS B 7 6.08 -14.73 10.16
N ASP B 8 6.60 -15.89 10.57
CA ASP B 8 6.20 -16.51 11.83
C ASP B 8 7.03 -15.90 12.96
N PRO B 9 6.46 -15.75 14.16
CA PRO B 9 7.25 -15.22 15.27
C PRO B 9 8.30 -16.22 15.75
N ILE B 10 9.33 -15.71 16.43
CA ILE B 10 10.38 -16.56 16.98
C ILE B 10 9.95 -17.12 18.34
N ARG B 11 9.69 -18.43 18.37
CA ARG B 11 9.40 -19.13 19.63
C ARG B 11 10.68 -19.31 20.44
N ILE B 12 11.76 -19.66 19.73
CA ILE B 12 13.02 -20.08 20.35
C ILE B 12 13.60 -18.96 21.23
N SER B 13 13.68 -19.23 22.54
CA SER B 13 14.00 -18.20 23.54
C SER B 13 15.45 -17.69 23.47
N MET B 14 16.39 -18.55 23.10
CA MET B 14 17.79 -18.14 22.96
C MET B 14 17.98 -17.19 21.78
N CYS B 15 17.07 -17.26 20.80
CA CYS B 15 17.10 -16.39 19.63
C CYS B 15 16.13 -15.22 19.78
N GLN B 16 16.14 -14.59 20.94
CA GLN B 16 15.33 -13.41 21.20
C GLN B 16 16.23 -12.35 21.82
N ASN B 17 15.66 -11.17 22.07
CA ASN B 17 16.46 -9.98 22.35
C ASN B 17 17.46 -9.71 21.22
N LEU B 18 17.07 -10.07 20.00
CA LEU B 18 17.85 -9.80 18.81
C LEU B 18 17.21 -8.62 18.07
N GLY B 19 17.83 -8.18 16.99
CA GLY B 19 17.30 -7.08 16.18
C GLY B 19 15.93 -7.37 15.60
N TYR B 20 15.73 -8.62 15.18
CA TYR B 20 14.49 -9.07 14.55
C TYR B 20 13.82 -10.11 15.42
N ASN B 21 12.50 -10.23 15.28
CA ASN B 21 11.73 -11.21 16.07
C ASN B 21 10.77 -12.06 15.24
N VAL B 22 11.03 -12.18 13.93
CA VAL B 22 10.24 -13.05 13.05
C VAL B 22 11.12 -13.77 12.03
N THR B 23 10.64 -14.92 11.57
CA THR B 23 11.43 -15.83 10.76
C THR B 23 10.52 -16.51 9.74
N LYS B 24 11.11 -17.18 8.76
CA LYS B 24 10.38 -18.17 7.99
C LYS B 24 11.28 -19.34 7.62
N MET B 25 10.66 -20.51 7.51
CA MET B 25 11.35 -21.75 7.17
C MET B 25 11.10 -22.06 5.69
N PRO B 26 12.00 -22.76 5.02
CA PRO B 26 13.19 -23.33 5.65
C PRO B 26 14.29 -22.32 5.96
N ASN B 27 15.21 -22.72 6.83
CA ASN B 27 16.35 -21.90 7.18
C ASN B 27 17.54 -22.32 6.32
N LEU B 28 18.73 -21.81 6.62
CA LEU B 28 19.90 -22.02 5.77
C LEU B 28 20.44 -23.44 5.85
N VAL B 29 19.94 -24.25 6.79
CA VAL B 29 20.31 -25.66 6.91
C VAL B 29 19.33 -26.59 6.18
N GLY B 30 18.07 -26.16 6.09
CA GLY B 30 17.03 -26.94 5.39
C GLY B 30 15.93 -27.49 6.28
N HIS B 31 15.91 -27.10 7.55
CA HIS B 31 14.83 -27.49 8.45
C HIS B 31 13.52 -26.88 7.95
N GLU B 32 12.43 -27.63 8.05
CA GLU B 32 11.11 -27.15 7.61
C GLU B 32 10.32 -26.51 8.76
N LEU B 33 10.67 -26.88 10.00
CA LEU B 33 9.95 -26.43 11.17
C LEU B 33 10.88 -25.69 12.12
N GLN B 34 10.32 -24.74 12.87
CA GLN B 34 11.06 -24.03 13.90
C GLN B 34 11.35 -24.94 15.10
N THR B 35 10.68 -26.09 15.13
CA THR B 35 10.89 -27.13 16.15
C THR B 35 12.21 -27.87 15.90
N ASP B 36 12.46 -28.25 14.66
CA ASP B 36 13.69 -28.94 14.29
C ASP B 36 14.89 -28.00 14.46
N ALA B 37 14.68 -26.72 14.20
CA ALA B 37 15.74 -25.71 14.30
C ALA B 37 16.15 -25.45 15.74
N GLU B 38 15.17 -25.41 16.64
CA GLU B 38 15.45 -25.26 18.07
C GLU B 38 16.26 -26.43 18.61
N LEU B 39 15.90 -27.63 18.16
CA LEU B 39 16.55 -28.85 18.63
C LEU B 39 18.04 -28.87 18.23
N GLN B 40 18.31 -28.55 16.97
CA GLN B 40 19.69 -28.49 16.49
C GLN B 40 20.42 -27.28 17.05
N LEU B 41 19.69 -26.23 17.41
CA LEU B 41 20.26 -25.06 18.08
C LEU B 41 20.80 -25.36 19.48
N THR B 42 19.98 -26.04 20.29
CA THR B 42 20.34 -26.31 21.69
C THR B 42 21.61 -27.16 21.83
N THR B 43 21.95 -27.88 20.78
CA THR B 43 23.25 -28.54 20.64
C THR B 43 24.43 -27.58 20.93
N PHE B 44 24.23 -26.28 20.69
CA PHE B 44 25.28 -25.27 20.83
C PHE B 44 25.33 -24.53 22.17
N THR B 45 24.41 -24.81 23.10
CA THR B 45 24.33 -24.01 24.33
C THR B 45 25.56 -24.10 25.23
N PRO B 46 26.28 -25.25 25.22
CA PRO B 46 27.55 -25.28 25.96
C PRO B 46 28.61 -24.37 25.35
N LEU B 47 28.68 -24.35 24.01
CA LEU B 47 29.61 -23.48 23.29
C LEU B 47 29.24 -22.00 23.49
N ILE B 48 27.94 -21.72 23.53
CA ILE B 48 27.46 -20.36 23.78
C ILE B 48 27.84 -19.95 25.21
N GLN B 49 27.55 -20.82 26.17
CA GLN B 49 27.86 -20.55 27.57
C GLN B 49 29.35 -20.33 27.81
N TYR B 50 30.19 -20.99 27.04
CA TYR B 50 31.64 -20.84 27.12
C TYR B 50 32.09 -19.41 26.84
N GLY B 51 31.55 -18.82 25.78
CA GLY B 51 31.82 -17.43 25.43
C GLY B 51 33.12 -17.21 24.68
N CYS B 52 33.34 -17.97 23.62
CA CYS B 52 34.49 -17.74 22.73
C CYS B 52 34.28 -16.49 21.87
N SER B 53 33.03 -16.18 21.55
CA SER B 53 32.69 -15.01 20.73
C SER B 53 31.35 -14.42 21.14
N SER B 54 31.29 -13.10 21.25
CA SER B 54 30.03 -12.41 21.58
C SER B 54 29.01 -12.44 20.45
N GLN B 55 29.49 -12.70 19.22
CA GLN B 55 28.63 -12.74 18.03
C GLN B 55 28.06 -14.13 17.72
N LEU B 56 28.33 -15.11 18.58
CA LEU B 56 27.95 -16.50 18.32
C LEU B 56 26.44 -16.73 18.35
N GLN B 57 25.80 -16.29 19.44
CA GLN B 57 24.34 -16.37 19.57
C GLN B 57 23.62 -15.80 18.36
N PHE B 58 23.99 -14.56 18.01
CA PHE B 58 23.40 -13.90 16.86
C PHE B 58 23.67 -14.70 15.59
N PHE B 59 24.94 -15.04 15.38
CA PHE B 59 25.35 -15.79 14.19
C PHE B 59 24.53 -17.07 14.02
N LEU B 60 24.43 -17.86 15.09
CA LEU B 60 23.70 -19.12 15.05
C LEU B 60 22.22 -18.90 14.79
N CYS B 61 21.64 -17.94 15.48
CA CYS B 61 20.23 -17.57 15.26
C CYS B 61 20.00 -17.11 13.82
N SER B 62 20.90 -16.28 13.30
CA SER B 62 20.77 -15.78 11.92
C SER B 62 20.80 -16.92 10.90
N VAL B 63 21.45 -18.03 11.26
CA VAL B 63 21.50 -19.22 10.39
C VAL B 63 20.28 -20.14 10.60
N TYR B 64 19.91 -20.40 11.84
CA TYR B 64 18.85 -21.37 12.14
C TYR B 64 17.44 -20.77 12.16
N VAL B 65 17.34 -19.50 12.54
CA VAL B 65 16.10 -18.75 12.39
C VAL B 65 16.38 -17.43 11.65
N PRO B 66 16.62 -17.51 10.33
CA PRO B 66 16.98 -16.32 9.57
C PRO B 66 15.93 -15.22 9.68
N MET B 67 16.35 -13.97 9.49
CA MET B 67 15.42 -12.85 9.52
C MET B 67 14.46 -12.96 8.34
N CYS B 68 13.21 -12.60 8.61
CA CYS B 68 12.17 -12.55 7.59
C CYS B 68 11.59 -11.15 7.56
N THR B 69 11.12 -10.73 6.38
CA THR B 69 10.34 -9.51 6.25
C THR B 69 9.24 -9.71 5.23
N GLU B 70 8.32 -8.75 5.22
CA GLU B 70 7.19 -8.77 4.32
C GLU B 70 7.64 -8.35 2.93
N LYS B 71 8.66 -7.51 2.89
CA LYS B 71 9.12 -6.85 1.66
C LYS B 71 10.14 -7.71 0.92
N ILE B 72 10.80 -8.61 1.66
CA ILE B 72 11.80 -9.50 1.09
C ILE B 72 11.27 -10.94 1.14
N ASN B 73 11.41 -11.67 0.03
CA ASN B 73 10.83 -13.03 -0.07
C ASN B 73 11.85 -14.17 0.02
N ILE B 74 13.05 -13.85 0.48
CA ILE B 74 14.06 -14.85 0.83
C ILE B 74 14.50 -14.59 2.27
N PRO B 75 14.90 -15.64 3.00
CA PRO B 75 15.36 -15.43 4.36
C PRO B 75 16.70 -14.72 4.36
N ILE B 76 16.93 -13.86 5.35
CA ILE B 76 18.16 -13.09 5.43
C ILE B 76 19.09 -13.72 6.46
N GLY B 77 20.13 -14.38 5.96
CA GLY B 77 21.17 -14.96 6.79
C GLY B 77 22.26 -13.96 7.11
N PRO B 78 23.38 -14.44 7.67
CA PRO B 78 24.48 -13.56 8.03
C PRO B 78 25.48 -13.38 6.90
N CYS B 79 26.24 -12.30 6.96
CA CYS B 79 27.32 -12.09 5.99
C CYS B 79 28.51 -12.96 6.36
N GLY B 80 29.26 -13.39 5.36
CA GLY B 80 30.42 -14.26 5.55
C GLY B 80 31.48 -13.68 6.46
N GLY B 81 31.57 -12.34 6.51
CA GLY B 81 32.51 -11.66 7.39
C GLY B 81 32.29 -11.94 8.86
N MET B 82 31.02 -12.00 9.28
CA MET B 82 30.70 -12.33 10.67
C MET B 82 31.03 -13.80 10.96
N CYS B 83 30.71 -14.67 10.00
CA CYS B 83 31.03 -16.09 10.10
C CYS B 83 32.51 -16.31 10.42
N LEU B 84 33.37 -15.68 9.62
CA LEU B 84 34.81 -15.79 9.79
C LEU B 84 35.26 -15.29 11.16
N SER B 85 34.67 -14.19 11.61
CA SER B 85 34.99 -13.61 12.91
C SER B 85 34.59 -14.51 14.08
N VAL B 86 33.47 -15.20 13.94
CA VAL B 86 33.01 -16.15 14.95
C VAL B 86 33.85 -17.43 14.88
N LYS B 87 34.11 -17.90 13.67
CA LYS B 87 34.92 -19.08 13.44
C LYS B 87 36.33 -18.93 14.01
N ARG B 88 36.95 -17.77 13.74
CA ARG B 88 38.30 -17.48 14.20
C ARG B 88 38.46 -17.66 15.70
N ARG B 89 37.44 -17.23 16.44
CA ARG B 89 37.46 -17.27 17.91
C ARG B 89 37.03 -18.61 18.47
N CYS B 90 36.04 -19.24 17.84
CA CYS B 90 35.41 -20.45 18.39
C CYS B 90 35.95 -21.76 17.81
N GLU B 91 36.51 -21.73 16.60
CA GLU B 91 37.09 -22.95 16.01
C GLU B 91 38.18 -23.57 16.89
N PRO B 92 39.12 -22.74 17.41
CA PRO B 92 40.17 -23.31 18.25
C PRO B 92 39.67 -24.03 19.51
N VAL B 93 38.54 -23.55 20.06
CA VAL B 93 37.92 -24.19 21.22
C VAL B 93 37.42 -25.58 20.85
N LEU B 94 36.81 -25.70 19.67
CA LEU B 94 36.30 -26.98 19.18
C LEU B 94 37.44 -27.96 18.87
N LYS B 95 38.54 -27.45 18.33
CA LYS B 95 39.70 -28.28 17.99
C LYS B 95 40.29 -28.98 19.20
N GLU B 96 40.29 -28.32 20.34
CA GLU B 96 40.81 -28.91 21.58
C GLU B 96 40.07 -30.19 22.00
N PHE B 97 38.76 -30.25 21.73
CA PHE B 97 37.95 -31.41 22.08
C PHE B 97 37.77 -32.38 20.90
N GLY B 98 38.55 -32.20 19.85
CA GLY B 98 38.51 -33.08 18.69
C GLY B 98 37.42 -32.79 17.69
N PHE B 99 36.66 -31.71 17.90
CA PHE B 99 35.62 -31.29 16.97
C PHE B 99 36.18 -30.34 15.93
N ALA B 100 35.51 -30.27 14.79
CA ALA B 100 35.84 -29.31 13.75
C ALA B 100 34.71 -28.28 13.64
N TRP B 101 34.97 -27.20 12.92
CA TRP B 101 33.95 -26.20 12.63
C TRP B 101 32.86 -26.87 11.79
N PRO B 102 31.59 -26.78 12.22
CA PRO B 102 30.53 -27.50 11.51
C PRO B 102 30.42 -27.13 10.02
N GLU B 103 30.17 -28.12 9.18
CA GLU B 103 30.07 -27.90 7.74
C GLU B 103 28.83 -27.11 7.36
N SER B 104 27.79 -27.16 8.21
CA SER B 104 26.60 -26.33 8.04
C SER B 104 26.92 -24.84 8.16
N LEU B 105 27.97 -24.51 8.89
CA LEU B 105 28.41 -23.12 9.10
C LEU B 105 29.66 -22.77 8.31
N ASN B 106 29.91 -23.50 7.21
CA ASN B 106 30.97 -23.19 6.28
C ASN B 106 30.82 -21.74 5.82
N CYS B 107 31.84 -20.92 6.09
CA CYS B 107 31.75 -19.49 5.84
C CYS B 107 31.73 -19.12 4.35
N SER B 108 32.20 -20.04 3.51
CA SER B 108 32.16 -19.84 2.06
C SER B 108 30.74 -19.74 1.51
N LYS B 109 29.79 -20.40 2.14
CA LYS B 109 28.42 -20.52 1.63
C LYS B 109 27.50 -19.36 2.00
N PHE B 110 28.03 -18.32 2.64
CA PHE B 110 27.28 -17.10 2.89
C PHE B 110 27.83 -15.98 1.99
N PRO B 111 26.99 -14.98 1.68
CA PRO B 111 27.50 -13.85 0.91
C PRO B 111 28.64 -13.14 1.67
N PRO B 112 29.76 -12.84 0.99
CA PRO B 112 30.91 -12.19 1.62
C PRO B 112 30.57 -10.91 2.39
N GLN B 113 29.80 -10.03 1.76
CA GLN B 113 29.41 -8.74 2.36
C GLN B 113 28.01 -8.32 1.90
N ASN B 114 27.34 -7.51 2.72
CA ASN B 114 26.04 -6.97 2.38
C ASN B 114 26.16 -5.97 1.24
N ASP B 115 25.55 -6.32 0.11
CA ASP B 115 25.79 -5.66 -1.16
C ASP B 115 24.49 -5.24 -1.83
N HIS B 116 24.62 -4.62 -3.00
CA HIS B 116 23.48 -4.41 -3.90
C HIS B 116 23.18 -5.71 -4.67
N ASN B 117 24.14 -6.64 -4.66
CA ASN B 117 23.95 -8.01 -5.13
C ASN B 117 23.74 -9.07 -4.02
N HIS B 118 23.86 -8.67 -2.76
CA HIS B 118 23.79 -9.62 -1.64
C HIS B 118 23.12 -9.03 -0.40
N MET B 119 22.01 -9.63 0.01
CA MET B 119 21.38 -9.28 1.29
C MET B 119 21.88 -10.22 2.37
N CYS B 120 22.44 -9.63 3.42
CA CYS B 120 22.84 -10.38 4.60
C CYS B 120 23.02 -9.41 5.77
N MET B 121 22.89 -9.94 6.98
CA MET B 121 23.10 -9.15 8.19
C MET B 121 24.57 -9.25 8.55
N GLU B 122 25.22 -8.10 8.71
CA GLU B 122 26.61 -8.07 9.16
C GLU B 122 26.70 -8.24 10.68
N GLY B 123 25.55 -8.19 11.36
CA GLY B 123 25.49 -8.42 12.81
C GLY B 123 26.01 -7.23 13.59
N PRO B 124 26.01 -7.33 14.93
CA PRO B 124 26.53 -6.26 15.76
C PRO B 124 28.06 -6.23 15.78
N CYS C 7 -4.10 3.84 12.49
CA CYS C 7 -4.76 2.70 13.19
C CYS C 7 -3.85 2.11 14.25
N ASP C 8 -4.41 1.89 15.44
CA ASP C 8 -3.65 1.42 16.60
C ASP C 8 -3.92 -0.07 16.79
N PRO C 9 -3.09 -0.77 17.59
CA PRO C 9 -3.27 -2.21 17.74
C PRO C 9 -4.40 -2.54 18.71
N ILE C 10 -5.07 -3.67 18.48
CA ILE C 10 -6.13 -4.12 19.36
C ILE C 10 -5.51 -4.62 20.67
N ARG C 11 -5.60 -3.78 21.71
CA ARG C 11 -5.10 -4.09 23.04
C ARG C 11 -5.97 -5.13 23.75
N ILE C 12 -7.23 -5.25 23.35
CA ILE C 12 -8.21 -6.07 24.05
C ILE C 12 -8.03 -7.56 23.72
N SER C 13 -8.03 -8.39 24.76
CA SER C 13 -7.66 -9.81 24.65
C SER C 13 -8.75 -10.68 24.02
N MET C 14 -10.01 -10.43 24.39
CA MET C 14 -11.14 -11.22 23.85
C MET C 14 -11.44 -10.89 22.38
N CYS C 15 -10.89 -9.79 21.88
CA CYS C 15 -11.02 -9.42 20.47
C CYS C 15 -9.75 -9.73 19.66
N GLN C 16 -9.06 -10.81 20.04
CA GLN C 16 -8.00 -11.38 19.20
C GLN C 16 -8.60 -12.51 18.38
N ASN C 17 -7.85 -13.00 17.40
CA ASN C 17 -8.30 -14.04 16.49
C ASN C 17 -9.58 -13.68 15.74
N LEU C 18 -9.76 -12.39 15.45
CA LEU C 18 -10.83 -11.92 14.57
C LEU C 18 -10.31 -12.05 13.13
N GLY C 19 -10.95 -11.35 12.20
CA GLY C 19 -10.42 -11.23 10.84
C GLY C 19 -9.38 -10.13 10.70
N TYR C 20 -9.40 -9.18 11.63
CA TYR C 20 -8.55 -7.99 11.58
C TYR C 20 -7.83 -7.79 12.91
N ASN C 21 -6.90 -6.84 12.96
CA ASN C 21 -6.04 -6.65 14.15
C ASN C 21 -5.68 -5.19 14.53
N VAL C 22 -6.37 -4.20 13.98
CA VAL C 22 -6.14 -2.79 14.34
C VAL C 22 -7.43 -1.96 14.34
N THR C 23 -7.43 -0.87 15.12
CA THR C 23 -8.62 -0.06 15.36
C THR C 23 -8.28 1.43 15.44
N LYS C 24 -9.31 2.27 15.31
CA LYS C 24 -9.22 3.69 15.69
C LYS C 24 -10.43 4.06 16.55
N MET C 25 -10.19 4.96 17.51
CA MET C 25 -11.22 5.43 18.43
C MET C 25 -11.58 6.89 18.09
N PRO C 26 -12.76 7.37 18.48
CA PRO C 26 -13.76 6.60 19.23
C PRO C 26 -14.42 5.50 18.40
N ASN C 27 -15.02 4.54 19.09
CA ASN C 27 -15.67 3.40 18.43
C ASN C 27 -17.15 3.68 18.17
N LEU C 28 -17.86 2.69 17.65
CA LEU C 28 -19.27 2.83 17.29
C LEU C 28 -20.21 2.96 18.49
N VAL C 29 -19.69 2.82 19.71
CA VAL C 29 -20.42 3.15 20.93
C VAL C 29 -20.10 4.57 21.39
N GLY C 30 -18.92 5.08 21.02
CA GLY C 30 -18.48 6.41 21.43
C GLY C 30 -17.47 6.40 22.56
N HIS C 31 -16.85 5.24 22.81
CA HIS C 31 -15.75 5.14 23.76
C HIS C 31 -14.54 5.85 23.17
N GLU C 32 -13.75 6.50 24.02
CA GLU C 32 -12.61 7.29 23.54
C GLU C 32 -11.30 6.50 23.53
N LEU C 33 -11.14 5.56 24.45
CA LEU C 33 -9.92 4.75 24.53
C LEU C 33 -10.27 3.27 24.59
N GLN C 34 -9.36 2.43 24.08
CA GLN C 34 -9.55 0.98 24.11
C GLN C 34 -9.67 0.39 25.52
N THR C 35 -9.33 1.18 26.54
CA THR C 35 -9.38 0.73 27.92
C THR C 35 -10.81 0.87 28.49
N ASP C 36 -11.51 1.95 28.13
CA ASP C 36 -12.90 2.13 28.53
C ASP C 36 -13.84 1.25 27.70
N ALA C 37 -13.42 0.91 26.49
CA ALA C 37 -14.17 0.00 25.63
C ALA C 37 -14.13 -1.43 26.19
N GLU C 38 -12.92 -1.91 26.44
CA GLU C 38 -12.70 -3.21 27.09
C GLU C 38 -13.54 -3.35 28.35
N LEU C 39 -13.52 -2.31 29.17
CA LEU C 39 -14.16 -2.31 30.48
C LEU C 39 -15.67 -2.57 30.39
N GLN C 40 -16.28 -2.12 29.31
CA GLN C 40 -17.70 -2.34 29.07
C GLN C 40 -17.95 -3.63 28.30
N LEU C 41 -17.01 -3.98 27.43
CA LEU C 41 -17.08 -5.23 26.66
C LEU C 41 -17.15 -6.44 27.59
N THR C 42 -16.37 -6.40 28.67
CA THR C 42 -16.28 -7.51 29.62
C THR C 42 -17.60 -7.77 30.36
N THR C 43 -18.47 -6.76 30.41
CA THR C 43 -19.84 -6.92 30.89
C THR C 43 -20.61 -8.02 30.14
N PHE C 44 -20.24 -8.28 28.89
CA PHE C 44 -20.92 -9.25 28.03
C PHE C 44 -20.37 -10.69 28.11
N THR C 45 -19.33 -10.93 28.90
CA THR C 45 -18.72 -12.27 28.93
C THR C 45 -19.69 -13.37 29.38
N PRO C 46 -20.52 -13.10 30.42
CA PRO C 46 -21.59 -14.05 30.76
C PRO C 46 -22.52 -14.39 29.60
N LEU C 47 -22.89 -13.39 28.80
CA LEU C 47 -23.77 -13.59 27.65
C LEU C 47 -23.06 -14.41 26.57
N ILE C 48 -21.75 -14.22 26.45
CA ILE C 48 -20.93 -14.99 25.51
C ILE C 48 -20.81 -16.46 25.97
N GLN C 49 -20.65 -16.66 27.28
CA GLN C 49 -20.62 -18.01 27.85
C GLN C 49 -21.92 -18.75 27.58
N TYR C 50 -23.04 -18.07 27.82
CA TYR C 50 -24.38 -18.64 27.62
C TYR C 50 -24.57 -19.25 26.25
N GLY C 51 -24.05 -18.57 25.22
CA GLY C 51 -24.07 -19.11 23.86
C GLY C 51 -25.43 -19.02 23.18
N CYS C 52 -26.09 -17.87 23.30
CA CYS C 52 -27.32 -17.63 22.55
C CYS C 52 -27.01 -17.47 21.05
N SER C 53 -25.89 -16.81 20.76
CA SER C 53 -25.45 -16.62 19.38
C SER C 53 -23.94 -16.90 19.26
N SER C 54 -23.57 -17.66 18.23
CA SER C 54 -22.16 -17.98 17.97
C SER C 54 -21.38 -16.76 17.44
N GLN C 55 -22.10 -15.79 16.88
CA GLN C 55 -21.48 -14.58 16.32
C GLN C 55 -21.43 -13.42 17.32
N LEU C 56 -21.91 -13.65 18.54
CA LEU C 56 -22.06 -12.57 19.52
C LEU C 56 -20.75 -11.84 19.78
N GLN C 57 -19.66 -12.58 19.96
CA GLN C 57 -18.38 -11.98 20.33
C GLN C 57 -17.79 -11.17 19.18
N PHE C 58 -17.77 -11.77 18.00
CA PHE C 58 -17.30 -11.08 16.79
C PHE C 58 -18.05 -9.78 16.58
N PHE C 59 -19.38 -9.85 16.70
CA PHE C 59 -20.23 -8.67 16.57
C PHE C 59 -19.85 -7.58 17.58
N LEU C 60 -19.73 -7.96 18.84
CA LEU C 60 -19.38 -7.00 19.88
C LEU C 60 -17.99 -6.39 19.65
N CYS C 61 -17.04 -7.21 19.20
CA CYS C 61 -15.71 -6.73 18.88
C CYS C 61 -15.72 -5.77 17.69
N SER C 62 -16.52 -6.09 16.68
CA SER C 62 -16.67 -5.22 15.51
C SER C 62 -17.26 -3.85 15.85
N VAL C 63 -18.00 -3.76 16.96
CA VAL C 63 -18.59 -2.51 17.42
C VAL C 63 -17.66 -1.76 18.38
N TYR C 64 -17.11 -2.48 19.36
CA TYR C 64 -16.28 -1.87 20.40
C TYR C 64 -14.86 -1.58 19.95
N VAL C 65 -14.37 -2.38 18.99
CA VAL C 65 -13.10 -2.09 18.34
C VAL C 65 -13.23 -2.32 16.84
N PRO C 66 -13.90 -1.39 16.12
CA PRO C 66 -14.12 -1.56 14.68
C PRO C 66 -12.83 -1.70 13.88
N MET C 67 -12.93 -2.22 12.66
CA MET C 67 -11.75 -2.40 11.82
C MET C 67 -11.25 -1.06 11.30
N CYS C 68 -9.93 -0.90 11.30
CA CYS C 68 -9.26 0.30 10.82
C CYS C 68 -8.16 -0.10 9.84
N THR C 69 -8.34 0.23 8.57
CA THR C 69 -7.28 0.05 7.57
C THR C 69 -6.46 1.33 7.48
N GLU C 70 -5.24 1.20 6.97
CA GLU C 70 -4.40 2.37 6.70
C GLU C 70 -4.90 3.12 5.45
N LYS C 71 -5.59 2.41 4.56
CA LYS C 71 -6.10 3.01 3.33
C LYS C 71 -7.36 3.81 3.60
N ILE C 72 -8.39 3.13 4.12
CA ILE C 72 -9.73 3.70 4.25
C ILE C 72 -9.75 4.66 5.45
N ASN C 73 -10.52 5.75 5.30
CA ASN C 73 -10.46 6.89 6.22
C ASN C 73 -11.53 6.87 7.33
N ILE C 74 -12.32 5.80 7.39
CA ILE C 74 -13.39 5.65 8.39
C ILE C 74 -13.35 4.22 8.96
N PRO C 75 -14.18 3.93 9.98
CA PRO C 75 -14.16 2.59 10.57
C PRO C 75 -15.12 1.62 9.89
N ILE C 76 -14.66 0.39 9.65
CA ILE C 76 -15.52 -0.69 9.17
C ILE C 76 -16.04 -1.44 10.39
N GLY C 77 -17.36 -1.47 10.53
CA GLY C 77 -18.01 -2.16 11.65
C GLY C 77 -18.79 -3.36 11.17
N PRO C 78 -19.74 -3.85 11.99
CA PRO C 78 -20.56 -4.98 11.59
C PRO C 78 -21.66 -4.54 10.65
N CYS C 79 -22.10 -5.44 9.77
CA CYS C 79 -23.27 -5.16 8.95
C CYS C 79 -24.55 -5.47 9.72
N GLY C 80 -25.64 -4.87 9.27
CA GLY C 80 -26.94 -4.96 9.95
C GLY C 80 -27.53 -6.35 9.99
N GLY C 81 -27.19 -7.19 9.01
CA GLY C 81 -27.69 -8.56 8.96
C GLY C 81 -27.22 -9.38 10.15
N MET C 82 -25.94 -9.26 10.47
CA MET C 82 -25.36 -9.93 11.62
C MET C 82 -25.92 -9.37 12.93
N CYS C 83 -26.08 -8.05 13.00
CA CYS C 83 -26.63 -7.40 14.20
C CYS C 83 -28.02 -7.93 14.52
N LEU C 84 -28.86 -8.03 13.50
CA LEU C 84 -30.22 -8.52 13.66
C LEU C 84 -30.25 -10.00 14.07
N SER C 85 -29.37 -10.78 13.46
CA SER C 85 -29.23 -12.21 13.76
C SER C 85 -28.86 -12.43 15.22
N VAL C 86 -27.89 -11.65 15.70
CA VAL C 86 -27.43 -11.74 17.09
C VAL C 86 -28.50 -11.22 18.05
N LYS C 87 -29.15 -10.12 17.66
CA LYS C 87 -30.19 -9.49 18.46
C LYS C 87 -31.34 -10.46 18.76
N ARG C 88 -31.90 -11.08 17.73
CA ARG C 88 -33.06 -11.96 17.91
C ARG C 88 -32.74 -13.24 18.69
N ARG C 89 -31.49 -13.69 18.62
CA ARG C 89 -31.04 -14.88 19.35
C ARG C 89 -30.84 -14.63 20.84
N CYS C 90 -30.29 -13.48 21.18
CA CYS C 90 -29.89 -13.18 22.56
C CYS C 90 -30.87 -12.31 23.34
N GLU C 91 -31.83 -11.70 22.65
CA GLU C 91 -32.83 -10.87 23.30
C GLU C 91 -33.75 -11.64 24.26
N PRO C 92 -34.17 -12.87 23.89
CA PRO C 92 -34.97 -13.67 24.81
C PRO C 92 -34.30 -13.91 26.15
N VAL C 93 -32.99 -14.18 26.13
CA VAL C 93 -32.20 -14.40 27.34
C VAL C 93 -32.16 -13.12 28.17
N LEU C 94 -31.90 -12.01 27.51
CA LEU C 94 -31.83 -10.70 28.17
C LEU C 94 -33.15 -10.32 28.82
N LYS C 95 -34.26 -10.68 28.19
CA LYS C 95 -35.59 -10.41 28.74
C LYS C 95 -35.89 -11.22 30.02
N GLU C 96 -35.28 -12.38 30.17
CA GLU C 96 -35.42 -13.16 31.42
C GLU C 96 -34.84 -12.41 32.62
N PHE C 97 -33.88 -11.51 32.36
CA PHE C 97 -33.31 -10.65 33.41
C PHE C 97 -34.06 -9.33 33.59
N GLY C 98 -34.86 -8.94 32.59
CA GLY C 98 -35.59 -7.68 32.60
C GLY C 98 -34.95 -6.60 31.75
N PHE C 99 -33.89 -6.95 31.02
CA PHE C 99 -33.21 -6.01 30.13
C PHE C 99 -33.62 -6.29 28.69
N ALA C 100 -33.57 -5.26 27.86
CA ALA C 100 -33.76 -5.42 26.43
C ALA C 100 -32.40 -5.34 25.75
N TRP C 101 -32.39 -5.51 24.44
CA TRP C 101 -31.21 -5.25 23.63
C TRP C 101 -30.75 -3.83 23.95
N PRO C 102 -29.46 -3.64 24.27
CA PRO C 102 -29.06 -2.29 24.65
C PRO C 102 -29.21 -1.31 23.49
N GLU C 103 -29.63 -0.09 23.81
CA GLU C 103 -29.91 0.94 22.80
C GLU C 103 -28.65 1.32 22.03
N SER C 104 -27.50 1.23 22.68
CA SER C 104 -26.21 1.47 22.04
C SER C 104 -25.89 0.52 20.88
N LEU C 105 -26.55 -0.66 20.87
CA LEU C 105 -26.35 -1.65 19.80
C LEU C 105 -27.54 -1.71 18.82
N ASN C 106 -28.37 -0.69 18.83
CA ASN C 106 -29.43 -0.51 17.84
C ASN C 106 -28.91 -0.84 16.44
N CYS C 107 -29.56 -1.80 15.78
CA CYS C 107 -29.05 -2.33 14.50
C CYS C 107 -29.29 -1.41 13.30
N SER C 108 -30.15 -0.40 13.46
CA SER C 108 -30.37 0.60 12.43
C SER C 108 -29.13 1.47 12.19
N LYS C 109 -28.28 1.60 13.20
CA LYS C 109 -27.10 2.44 13.14
C LYS C 109 -25.98 1.87 12.26
N PHE C 110 -26.15 0.65 11.74
CA PHE C 110 -25.17 0.02 10.88
C PHE C 110 -25.69 -0.07 9.44
N PRO C 111 -24.79 -0.31 8.47
CA PRO C 111 -25.22 -0.56 7.09
C PRO C 111 -26.13 -1.80 6.98
N PRO C 112 -27.08 -1.81 6.04
CA PRO C 112 -27.92 -3.00 5.90
C PRO C 112 -27.18 -4.19 5.26
N GLN C 113 -26.21 -3.89 4.40
CA GLN C 113 -25.45 -4.92 3.69
C GLN C 113 -24.16 -4.35 3.12
N ASN C 114 -23.17 -5.22 2.90
CA ASN C 114 -21.90 -4.81 2.30
C ASN C 114 -22.10 -4.51 0.81
N ASP C 115 -21.84 -3.26 0.43
CA ASP C 115 -22.20 -2.74 -0.89
C ASP C 115 -21.08 -1.90 -1.51
N HIS C 116 -21.36 -1.30 -2.65
CA HIS C 116 -20.51 -0.25 -3.22
C HIS C 116 -20.65 1.07 -2.44
N ASN C 117 -21.83 1.31 -1.88
CA ASN C 117 -22.06 2.46 -0.99
C ASN C 117 -21.69 2.18 0.46
N HIS C 118 -21.72 0.90 0.86
CA HIS C 118 -21.56 0.49 2.25
C HIS C 118 -20.43 -0.51 2.43
N MET C 119 -19.59 -0.28 3.45
CA MET C 119 -18.54 -1.25 3.80
C MET C 119 -18.70 -1.66 5.27
N CYS C 120 -18.54 -2.95 5.52
CA CYS C 120 -18.82 -3.54 6.82
C CYS C 120 -18.21 -4.93 6.89
N MET C 121 -18.27 -5.55 8.06
CA MET C 121 -17.95 -6.96 8.20
C MET C 121 -19.25 -7.76 8.27
N GLU C 122 -19.34 -8.77 7.42
CA GLU C 122 -20.57 -9.54 7.25
C GLU C 122 -20.67 -10.59 8.34
N GLY C 123 -19.53 -10.93 8.94
CA GLY C 123 -19.47 -11.84 10.08
C GLY C 123 -19.50 -13.30 9.66
N PRO C 124 -19.08 -14.21 10.55
CA PRO C 124 -19.17 -15.65 10.27
C PRO C 124 -20.61 -16.12 10.07
N ARG D 6 -20.99 24.74 -2.23
CA ARG D 6 -20.12 25.95 -2.33
C ARG D 6 -18.95 25.70 -3.30
N CYS D 7 -19.26 25.81 -4.58
CA CYS D 7 -18.32 25.52 -5.66
C CYS D 7 -17.30 26.65 -5.85
N ASP D 8 -16.32 26.41 -6.72
CA ASP D 8 -15.30 27.41 -7.04
C ASP D 8 -15.01 27.45 -8.55
N PRO D 9 -14.51 28.59 -9.05
CA PRO D 9 -14.37 28.80 -10.50
C PRO D 9 -13.37 27.87 -11.19
N ILE D 10 -13.64 27.55 -12.45
CA ILE D 10 -12.74 26.76 -13.28
C ILE D 10 -11.60 27.66 -13.76
N ARG D 11 -10.38 27.27 -13.41
CA ARG D 11 -9.18 28.05 -13.71
C ARG D 11 -8.39 27.49 -14.89
N ILE D 12 -8.81 26.33 -15.42
CA ILE D 12 -8.15 25.70 -16.54
C ILE D 12 -8.63 26.38 -17.83
N SER D 13 -7.70 27.01 -18.55
CA SER D 13 -8.04 27.82 -19.72
C SER D 13 -8.78 27.04 -20.81
N MET D 14 -8.43 25.77 -20.99
CA MET D 14 -9.06 24.95 -22.02
C MET D 14 -10.44 24.41 -21.62
N CYS D 15 -10.81 24.55 -20.36
CA CYS D 15 -12.12 24.12 -19.88
C CYS D 15 -13.03 25.30 -19.55
N GLN D 16 -12.98 26.32 -20.39
CA GLN D 16 -13.85 27.48 -20.27
C GLN D 16 -14.68 27.62 -21.54
N ASN D 17 -15.73 28.43 -21.48
CA ASN D 17 -16.68 28.58 -22.57
C ASN D 17 -17.57 27.34 -22.75
N LEU D 18 -17.77 26.61 -21.65
CA LEU D 18 -18.59 25.39 -21.64
C LEU D 18 -19.94 25.67 -20.99
N GLY D 19 -20.81 24.66 -20.99
CA GLY D 19 -22.14 24.76 -20.38
C GLY D 19 -22.14 25.19 -18.92
N TYR D 20 -21.05 24.87 -18.20
CA TYR D 20 -20.88 25.22 -16.80
C TYR D 20 -19.53 25.91 -16.60
N ASN D 21 -19.33 26.51 -15.44
CA ASN D 21 -18.07 27.21 -15.15
C ASN D 21 -17.63 27.17 -13.67
N VAL D 22 -18.03 26.12 -12.95
CA VAL D 22 -17.60 25.91 -11.56
C VAL D 22 -17.44 24.44 -11.25
N THR D 23 -16.49 24.11 -10.39
CA THR D 23 -16.24 22.73 -9.98
C THR D 23 -15.84 22.62 -8.52
N LYS D 24 -15.69 21.38 -8.07
CA LYS D 24 -15.11 21.06 -6.78
C LYS D 24 -14.17 19.87 -6.93
N MET D 25 -13.00 19.98 -6.31
CA MET D 25 -12.02 18.89 -6.30
C MET D 25 -12.23 18.08 -5.02
N PRO D 26 -11.84 16.81 -5.00
CA PRO D 26 -11.15 16.15 -6.10
C PRO D 26 -12.05 15.87 -7.29
N ASN D 27 -11.42 15.64 -8.44
CA ASN D 27 -12.12 15.30 -9.67
C ASN D 27 -12.21 13.79 -9.85
N LEU D 28 -12.74 13.35 -10.99
CA LEU D 28 -12.95 11.91 -11.24
C LEU D 28 -11.66 11.16 -11.59
N VAL D 29 -10.54 11.90 -11.61
CA VAL D 29 -9.23 11.33 -11.87
C VAL D 29 -8.34 11.33 -10.62
N GLY D 30 -8.76 12.05 -9.57
CA GLY D 30 -8.10 11.98 -8.26
C GLY D 30 -7.36 13.24 -7.83
N HIS D 31 -7.23 14.21 -8.73
CA HIS D 31 -6.48 15.43 -8.43
C HIS D 31 -7.21 16.27 -7.39
N GLU D 32 -6.47 16.76 -6.40
CA GLU D 32 -7.02 17.63 -5.35
C GLU D 32 -6.92 19.11 -5.73
N LEU D 33 -6.02 19.43 -6.65
CA LEU D 33 -5.82 20.79 -7.12
C LEU D 33 -6.05 20.87 -8.62
N GLN D 34 -6.71 21.95 -9.06
CA GLN D 34 -6.96 22.18 -10.49
C GLN D 34 -5.67 22.29 -11.29
N THR D 35 -4.65 22.91 -10.68
CA THR D 35 -3.35 23.06 -11.33
C THR D 35 -2.72 21.72 -11.72
N ASP D 36 -2.93 20.68 -10.89
CA ASP D 36 -2.48 19.33 -11.22
C ASP D 36 -3.28 18.75 -12.38
N ALA D 37 -4.60 18.96 -12.35
CA ALA D 37 -5.47 18.53 -13.45
C ALA D 37 -5.07 19.22 -14.75
N GLU D 38 -4.74 20.51 -14.66
CA GLU D 38 -4.33 21.29 -15.82
C GLU D 38 -3.05 20.75 -16.46
N LEU D 39 -2.06 20.45 -15.63
CA LEU D 39 -0.81 19.87 -16.13
C LEU D 39 -1.05 18.51 -16.78
N GLN D 40 -1.88 17.68 -16.15
CA GLN D 40 -2.16 16.35 -16.69
C GLN D 40 -2.97 16.41 -17.98
N LEU D 41 -3.85 17.40 -18.10
CA LEU D 41 -4.60 17.60 -19.36
C LEU D 41 -3.68 17.83 -20.56
N THR D 42 -2.47 18.35 -20.33
CA THR D 42 -1.51 18.54 -21.42
C THR D 42 -1.08 17.22 -22.05
N THR D 43 -1.32 16.11 -21.37
CA THR D 43 -1.18 14.79 -21.96
C THR D 43 -1.95 14.68 -23.28
N PHE D 44 -3.07 15.41 -23.39
CA PHE D 44 -3.96 15.31 -24.55
C PHE D 44 -3.86 16.45 -25.58
N THR D 45 -2.94 17.40 -25.42
CA THR D 45 -2.87 18.52 -26.38
C THR D 45 -2.54 18.05 -27.80
N PRO D 46 -1.69 17.02 -27.94
CA PRO D 46 -1.48 16.47 -29.28
C PRO D 46 -2.77 15.92 -29.90
N LEU D 47 -3.58 15.21 -29.12
CA LEU D 47 -4.88 14.74 -29.59
C LEU D 47 -5.81 15.90 -29.93
N ILE D 48 -5.78 16.94 -29.11
CA ILE D 48 -6.59 18.13 -29.34
C ILE D 48 -6.23 18.80 -30.68
N GLN D 49 -4.93 18.99 -30.92
CA GLN D 49 -4.48 19.63 -32.17
C GLN D 49 -4.46 18.67 -33.37
N TYR D 50 -4.80 17.41 -33.14
CA TYR D 50 -4.99 16.42 -34.21
C TYR D 50 -6.48 16.36 -34.58
N GLY D 51 -7.35 16.41 -33.56
CA GLY D 51 -8.78 16.71 -33.75
C GLY D 51 -9.72 15.55 -34.04
N CYS D 52 -9.63 14.49 -33.24
CA CYS D 52 -10.41 13.26 -33.47
C CYS D 52 -11.92 13.37 -33.21
N SER D 53 -12.33 14.23 -32.29
CA SER D 53 -13.75 14.33 -31.91
C SER D 53 -14.12 15.71 -31.36
N SER D 54 -15.30 16.20 -31.76
CA SER D 54 -15.79 17.51 -31.33
C SER D 54 -16.19 17.54 -29.85
N GLN D 55 -16.42 16.37 -29.25
CA GLN D 55 -16.79 16.28 -27.84
C GLN D 55 -15.61 16.03 -26.91
N LEU D 56 -14.42 15.78 -27.46
CA LEU D 56 -13.24 15.46 -26.66
C LEU D 56 -12.97 16.52 -25.60
N GLN D 57 -13.00 17.78 -26.00
CA GLN D 57 -12.75 18.88 -25.07
C GLN D 57 -13.71 18.80 -23.90
N PHE D 58 -15.00 18.65 -24.20
CA PHE D 58 -16.02 18.62 -23.17
C PHE D 58 -15.88 17.37 -22.30
N PHE D 59 -15.60 16.23 -22.92
CA PHE D 59 -15.43 14.98 -22.17
C PHE D 59 -14.27 15.06 -21.18
N LEU D 60 -13.09 15.49 -21.65
CA LEU D 60 -11.93 15.63 -20.79
C LEU D 60 -12.16 16.63 -19.66
N CYS D 61 -12.85 17.72 -19.97
CA CYS D 61 -13.18 18.73 -18.96
C CYS D 61 -14.18 18.20 -17.93
N SER D 62 -15.20 17.48 -18.38
CA SER D 62 -16.20 16.89 -17.48
C SER D 62 -15.59 15.89 -16.49
N VAL D 63 -14.43 15.34 -16.84
CA VAL D 63 -13.70 14.41 -15.97
C VAL D 63 -12.70 15.16 -15.10
N TYR D 64 -11.90 16.04 -15.71
CA TYR D 64 -10.83 16.74 -14.99
C TYR D 64 -11.31 17.95 -14.20
N VAL D 65 -12.47 18.49 -14.59
CA VAL D 65 -13.19 19.49 -13.80
C VAL D 65 -14.70 19.22 -13.93
N PRO D 66 -15.22 18.23 -13.17
CA PRO D 66 -16.63 17.84 -13.23
C PRO D 66 -17.59 18.88 -12.67
N MET D 67 -18.69 19.15 -13.37
CA MET D 67 -19.63 20.21 -12.95
C MET D 67 -19.99 20.13 -11.48
N CYS D 68 -20.03 21.30 -10.83
CA CYS D 68 -20.45 21.44 -9.45
C CYS D 68 -21.68 22.34 -9.37
N THR D 69 -22.58 22.01 -8.44
CA THR D 69 -23.68 22.90 -8.08
C THR D 69 -23.81 22.89 -6.56
N GLU D 70 -24.27 24.00 -6.00
CA GLU D 70 -24.37 24.15 -4.55
C GLU D 70 -25.44 23.23 -3.96
N LYS D 71 -26.46 22.94 -4.78
CA LYS D 71 -27.54 22.02 -4.40
C LYS D 71 -27.04 20.62 -4.05
N ILE D 72 -26.38 19.98 -4.99
CA ILE D 72 -25.99 18.57 -4.86
C ILE D 72 -24.55 18.46 -4.37
N ASN D 73 -24.32 17.49 -3.48
CA ASN D 73 -23.01 17.30 -2.84
C ASN D 73 -21.94 16.69 -3.75
N ILE D 74 -22.34 15.77 -4.64
CA ILE D 74 -21.39 15.05 -5.50
C ILE D 74 -21.02 15.87 -6.76
N PRO D 75 -19.95 15.48 -7.46
CA PRO D 75 -19.59 16.15 -8.71
C PRO D 75 -20.20 15.44 -9.91
N ILE D 76 -20.64 16.20 -10.91
CA ILE D 76 -21.28 15.64 -12.08
C ILE D 76 -20.29 15.59 -13.23
N GLY D 77 -20.11 14.40 -13.80
CA GLY D 77 -19.18 14.19 -14.90
C GLY D 77 -19.91 13.67 -16.13
N PRO D 78 -19.17 13.02 -17.04
CA PRO D 78 -19.77 12.58 -18.30
C PRO D 78 -20.66 11.36 -18.13
N CYS D 79 -21.62 11.20 -19.04
CA CYS D 79 -22.35 9.95 -19.16
C CYS D 79 -21.54 8.98 -19.99
N GLY D 80 -21.84 7.70 -19.89
CA GLY D 80 -21.13 6.67 -20.64
C GLY D 80 -21.22 6.80 -22.15
N GLY D 81 -22.35 7.33 -22.63
CA GLY D 81 -22.59 7.49 -24.05
C GLY D 81 -21.57 8.39 -24.74
N MET D 82 -21.31 9.55 -24.15
CA MET D 82 -20.33 10.48 -24.69
C MET D 82 -18.93 9.87 -24.66
N CYS D 83 -18.57 9.26 -23.53
CA CYS D 83 -17.28 8.59 -23.40
C CYS D 83 -17.08 7.60 -24.52
N LEU D 84 -18.07 6.70 -24.70
CA LEU D 84 -18.03 5.68 -25.74
C LEU D 84 -17.89 6.30 -27.14
N SER D 85 -18.56 7.43 -27.35
CA SER D 85 -18.51 8.13 -28.65
C SER D 85 -17.16 8.80 -28.89
N VAL D 86 -16.60 9.46 -27.88
CA VAL D 86 -15.28 10.07 -27.98
C VAL D 86 -14.22 8.99 -28.17
N LYS D 87 -14.35 7.91 -27.42
CA LYS D 87 -13.41 6.79 -27.50
C LYS D 87 -13.43 6.12 -28.88
N ARG D 88 -14.62 5.95 -29.44
CA ARG D 88 -14.78 5.31 -30.76
C ARG D 88 -13.97 6.04 -31.83
N ARG D 89 -13.91 7.37 -31.73
CA ARG D 89 -13.21 8.20 -32.70
C ARG D 89 -11.74 8.43 -32.35
N CYS D 90 -11.43 8.57 -31.06
CA CYS D 90 -10.10 8.98 -30.62
C CYS D 90 -9.16 7.83 -30.24
N GLU D 91 -9.69 6.68 -29.82
CA GLU D 91 -8.86 5.53 -29.48
C GLU D 91 -8.02 5.05 -30.68
N PRO D 92 -8.65 4.93 -31.87
CA PRO D 92 -7.86 4.48 -33.03
C PRO D 92 -6.70 5.43 -33.39
N VAL D 93 -6.83 6.70 -33.05
CA VAL D 93 -5.76 7.67 -33.28
C VAL D 93 -4.61 7.39 -32.32
N LEU D 94 -4.92 7.25 -31.04
CA LEU D 94 -3.92 6.89 -30.03
C LEU D 94 -3.20 5.59 -30.41
N LYS D 95 -3.98 4.59 -30.81
CA LYS D 95 -3.44 3.27 -31.21
C LYS D 95 -2.43 3.38 -32.34
N GLU D 96 -2.68 4.27 -33.28
CA GLU D 96 -1.82 4.41 -34.46
C GLU D 96 -0.46 5.02 -34.10
N PHE D 97 -0.41 5.75 -32.99
CA PHE D 97 0.85 6.27 -32.45
C PHE D 97 1.36 5.46 -31.25
N GLY D 98 0.90 4.21 -31.13
CA GLY D 98 1.38 3.30 -30.10
C GLY D 98 0.86 3.55 -28.69
N PHE D 99 -0.20 4.34 -28.57
CA PHE D 99 -0.81 4.62 -27.27
C PHE D 99 -2.16 3.91 -27.16
N ALA D 100 -2.82 4.08 -26.02
CA ALA D 100 -4.10 3.43 -25.78
C ALA D 100 -5.03 4.34 -24.98
N TRP D 101 -6.33 4.05 -25.06
CA TRP D 101 -7.33 4.74 -24.25
C TRP D 101 -7.06 4.39 -22.78
N PRO D 102 -6.83 5.40 -21.94
CA PRO D 102 -6.40 5.12 -20.56
C PRO D 102 -7.49 4.53 -19.66
N GLU D 103 -7.06 3.83 -18.61
CA GLU D 103 -7.96 3.19 -17.66
C GLU D 103 -8.73 4.25 -16.87
N SER D 104 -8.07 5.37 -16.60
CA SER D 104 -8.70 6.51 -15.92
C SER D 104 -9.89 7.08 -16.69
N LEU D 105 -10.02 6.76 -17.98
CA LEU D 105 -11.18 7.15 -18.78
C LEU D 105 -12.04 5.96 -19.22
N ASN D 106 -11.92 4.85 -18.49
CA ASN D 106 -12.74 3.65 -18.72
C ASN D 106 -14.22 4.03 -18.72
N CYS D 107 -14.90 3.82 -19.85
CA CYS D 107 -16.28 4.28 -20.00
C CYS D 107 -17.30 3.57 -19.10
N SER D 108 -16.93 2.42 -18.55
CA SER D 108 -17.78 1.71 -17.57
C SER D 108 -17.78 2.38 -16.20
N LYS D 109 -16.82 3.27 -15.94
CA LYS D 109 -16.80 4.07 -14.71
C LYS D 109 -17.99 5.02 -14.58
N PHE D 110 -18.56 5.42 -15.72
CA PHE D 110 -19.55 6.48 -15.74
C PHE D 110 -20.97 5.93 -15.86
N PRO D 111 -21.95 6.62 -15.24
CA PRO D 111 -23.34 6.20 -15.38
C PRO D 111 -23.75 6.19 -16.84
N PRO D 112 -24.33 5.07 -17.33
CA PRO D 112 -24.67 4.92 -18.75
C PRO D 112 -25.43 6.12 -19.33
N GLN D 113 -26.44 6.61 -18.62
CA GLN D 113 -27.23 7.76 -19.07
C GLN D 113 -27.69 8.63 -17.89
N ASN D 114 -28.10 9.86 -18.19
CA ASN D 114 -28.65 10.77 -17.18
C ASN D 114 -30.04 10.30 -16.74
N ASP D 115 -30.32 10.41 -15.44
CA ASP D 115 -31.49 9.78 -14.83
C ASP D 115 -31.85 10.36 -13.47
N HIS D 116 -32.97 9.88 -12.92
CA HIS D 116 -33.33 10.03 -11.51
C HIS D 116 -32.29 9.35 -10.60
N ASN D 117 -31.88 8.14 -10.99
CA ASN D 117 -30.93 7.34 -10.21
C ASN D 117 -29.49 7.41 -10.75
N HIS D 118 -29.30 8.27 -11.75
CA HIS D 118 -27.99 8.50 -12.36
C HIS D 118 -27.94 9.90 -12.93
N MET D 119 -27.12 10.79 -12.37
CA MET D 119 -26.97 12.09 -13.00
C MET D 119 -25.58 12.30 -13.59
N CYS D 120 -25.57 12.69 -14.86
CA CYS D 120 -24.35 12.94 -15.61
C CYS D 120 -24.67 13.83 -16.79
N MET D 121 -23.64 14.51 -17.29
CA MET D 121 -23.78 15.34 -18.47
C MET D 121 -23.63 14.52 -19.74
N GLU D 122 -24.51 14.74 -20.70
CA GLU D 122 -24.35 14.17 -22.03
C GLU D 122 -23.55 15.10 -22.94
N GLY D 123 -23.53 16.39 -22.61
CA GLY D 123 -22.76 17.37 -23.37
C GLY D 123 -23.36 17.62 -24.75
N PRO D 124 -22.58 18.22 -25.67
CA PRO D 124 -23.06 18.44 -27.04
C PRO D 124 -23.41 17.13 -27.75
C1 NAG E . 2.94 16.33 0.71
C2 NAG E . 1.99 17.49 1.10
C3 NAG E . 1.59 17.50 2.58
C4 NAG E . 1.52 16.13 3.23
C5 NAG E . 2.74 15.33 2.85
C6 NAG E . 2.78 13.97 3.52
C7 NAG E . 1.93 19.91 0.80
C8 NAG E . 2.71 21.17 0.54
N2 NAG E . 2.62 18.77 0.85
O3 NAG E . 0.35 18.15 2.74
O4 NAG E . 1.46 16.29 4.64
O5 NAG E . 2.65 15.16 1.45
O6 NAG E . 1.61 13.24 3.20
O7 NAG E . 0.71 19.97 0.95
CL CL F . 11.59 23.01 -0.34
C1 NAG G . 33.37 -25.29 2.44
C2 NAG G . 34.46 -26.36 2.28
C3 NAG G . 35.42 -25.98 1.14
C4 NAG G . 34.64 -25.74 -0.15
C5 NAG G . 33.50 -24.76 0.10
C6 NAG G . 32.60 -24.63 -1.13
C7 NAG G . 36.15 -26.33 4.19
C8 NAG G . 37.06 -25.30 3.59
N2 NAG G . 35.04 -26.76 3.57
O3 NAG G . 36.38 -26.99 0.93
O4 NAG G . 35.51 -25.22 -1.13
O5 NAG G . 32.70 -25.20 1.19
O6 NAG G . 31.86 -23.43 -1.04
O7 NAG G . 36.46 -26.80 5.29
C1 NAG H . -33.25 2.53 16.97
C2 NAG H . -34.41 2.81 17.95
C3 NAG H . -35.65 3.35 17.23
C4 NAG H . -35.31 4.42 16.19
C5 NAG H . -34.07 4.06 15.37
C6 NAG H . -33.65 5.23 14.49
C7 NAG H . -35.04 0.44 18.56
C8 NAG H . -35.14 -0.06 17.13
N2 NAG H . -34.72 1.71 18.86
O3 NAG H . -36.54 3.91 18.18
O4 NAG H . -36.40 4.57 15.32
O5 NAG H . -33.01 3.70 16.23
O6 NAG H . -32.35 5.03 13.97
O7 NAG H . -35.27 -0.39 19.46
C1 NAG I . -13.25 -1.02 -17.03
C2 NAG I . -14.19 -2.12 -16.47
C3 NAG I . -13.60 -3.53 -16.70
C4 NAG I . -12.93 -3.74 -18.05
C5 NAG I . -12.10 -2.51 -18.44
C6 NAG I . -11.54 -2.59 -19.85
C7 NAG I . -14.67 -1.09 -14.17
C8 NAG I . -14.33 0.33 -14.52
N2 NAG I . -14.58 -2.10 -15.05
O3 NAG I . -14.63 -4.49 -16.54
O4 NAG I . -12.08 -4.87 -17.97
O5 NAG I . -12.98 -1.43 -18.36
O6 NAG I . -12.46 -2.07 -20.79
O7 NAG I . -15.05 -1.31 -13.01
#